data_3H8S
#
_entry.id   3H8S
#
_cell.length_a   53.312
_cell.length_b   75.298
_cell.length_c   88.090
_cell.angle_alpha   90.000
_cell.angle_beta   90.000
_cell.angle_gamma   90.000
#
_symmetry.space_group_name_H-M   'P 21 21 21'
#
loop_
_entity.id
_entity.type
_entity.pdbx_description
1 polymer 'Ribonuclease H'
2 non-polymer 'MAGNESIUM ION'
3 water water
#
_entity_poly.entity_id   1
_entity_poly.type   'polypeptide(L)'
_entity_poly.pdbx_seq_one_letter_code
;MDLEMMLDEDYKEGICLINFSQIALSTALVNFPDKEKINLSMVRHLILNSIKFNVKKAKTLGYTKIVLCIDNAKSGYWRR
DFAYYYKKNRGKAREESTWDWEGYFESSHKVIDELKAYMPYIVMDIDKYEADDHIAVLVKKFSLEGHKILIISSDGDFTQ
LHKYPNVKQWSPMHKKWVKIKSGSAEIDCMTKILKGDKKDNVASVKVRSDFWFTRVEGERTPSMKTSIVEAIANDREQAK
VLLTESEYNRYKENLVLIDFDYIPDNIASNIVNYYNSYKLPPRGKIYSYFVKAGLSKLTNSINEF
;
_entity_poly.pdbx_strand_id   A
#
loop_
_chem_comp.id
_chem_comp.type
_chem_comp.name
_chem_comp.formula
MG non-polymer 'MAGNESIUM ION' 'Mg 2'
#
# COMPACT_ATOMS: atom_id res chain seq x y z
N TYR A 11 6.43 4.19 -26.83
CA TYR A 11 6.31 5.47 -26.15
C TYR A 11 6.25 5.27 -24.64
N LYS A 12 5.10 5.58 -24.05
CA LYS A 12 4.91 5.42 -22.62
C LYS A 12 3.83 4.40 -22.32
N GLU A 13 4.22 3.25 -21.78
CA GLU A 13 3.29 2.17 -21.47
C GLU A 13 2.47 2.49 -20.23
N GLY A 14 1.20 2.12 -20.26
CA GLY A 14 0.33 2.31 -19.11
C GLY A 14 0.72 1.40 -17.96
N ILE A 15 0.95 1.99 -16.79
CA ILE A 15 1.43 1.24 -15.64
C ILE A 15 0.38 1.13 -14.55
N CYS A 16 0.10 -0.10 -14.12
CA CYS A 16 -0.84 -0.35 -13.04
C CYS A 16 -0.12 -0.83 -11.78
N LEU A 17 -0.33 -0.13 -10.68
CA LEU A 17 0.29 -0.49 -9.41
C LEU A 17 -0.76 -1.03 -8.44
N ILE A 18 -0.55 -2.25 -7.98
CA ILE A 18 -1.54 -2.93 -7.16
C ILE A 18 -1.12 -3.09 -5.71
N ASN A 19 -1.95 -2.62 -4.80
CA ASN A 19 -1.78 -2.86 -3.38
C ASN A 19 -2.21 -4.28 -3.06
N PHE A 20 -1.38 -5.25 -3.47
CA PHE A 20 -1.77 -6.65 -3.45
C PHE A 20 -1.95 -7.25 -2.05
N SER A 21 -1.07 -6.89 -1.12
CA SER A 21 -1.14 -7.44 0.23
C SER A 21 -2.53 -7.21 0.84
N GLN A 22 -3.03 -6.00 0.65
CA GLN A 22 -4.36 -5.65 1.09
C GLN A 22 -5.41 -6.50 0.38
N ILE A 23 -5.35 -6.50 -0.95
CA ILE A 23 -6.34 -7.20 -1.76
C ILE A 23 -6.39 -8.69 -1.43
N ALA A 24 -5.22 -9.33 -1.37
CA ALA A 24 -5.14 -10.76 -1.11
C ALA A 24 -5.73 -11.12 0.25
N LEU A 25 -5.25 -10.44 1.30
CA LEU A 25 -5.72 -10.69 2.65
C LEU A 25 -7.21 -10.38 2.81
N SER A 26 -7.63 -9.21 2.33
CA SER A 26 -9.02 -8.81 2.40
C SER A 26 -9.93 -9.85 1.74
N THR A 27 -9.50 -10.34 0.59
CA THR A 27 -10.23 -11.39 -0.13
C THR A 27 -10.24 -12.69 0.68
N ALA A 28 -9.12 -13.00 1.32
CA ALA A 28 -9.00 -14.22 2.12
C ALA A 28 -9.92 -14.17 3.32
N LEU A 29 -9.99 -13.01 3.97
CA LEU A 29 -10.86 -12.80 5.11
C LEU A 29 -12.33 -12.97 4.75
N VAL A 30 -12.69 -12.59 3.52
CA VAL A 30 -14.08 -12.63 3.07
C VAL A 30 -14.47 -14.03 2.58
N ASN A 31 -13.51 -14.73 2.00
CA ASN A 31 -13.78 -16.02 1.36
C ASN A 31 -13.52 -17.23 2.26
N PHE A 32 -12.41 -17.21 2.99
CA PHE A 32 -12.06 -18.32 3.88
C PHE A 32 -12.83 -18.26 5.20
N PRO A 33 -13.77 -19.19 5.39
CA PRO A 33 -14.64 -19.23 6.58
C PRO A 33 -13.84 -19.21 7.88
N ASP A 34 -14.44 -18.66 8.94
CA ASP A 34 -13.80 -18.62 10.25
C ASP A 34 -13.72 -20.01 10.86
N LYS A 35 -12.71 -20.21 11.71
CA LYS A 35 -12.54 -21.47 12.43
C LYS A 35 -12.42 -22.67 11.48
N GLU A 36 -11.78 -22.41 10.35
CA GLU A 36 -11.44 -23.45 9.37
C GLU A 36 -10.03 -23.20 8.86
N LYS A 37 -9.15 -24.20 9.01
CA LYS A 37 -7.74 -24.03 8.66
C LYS A 37 -7.54 -23.70 7.18
N ILE A 38 -6.52 -22.89 6.90
CA ILE A 38 -6.24 -22.44 5.54
C ILE A 38 -4.96 -23.07 5.01
N ASN A 39 -5.08 -23.80 3.90
CA ASN A 39 -3.94 -24.49 3.32
C ASN A 39 -3.32 -23.76 2.13
N LEU A 40 -2.21 -24.31 1.62
CA LEU A 40 -1.46 -23.68 0.55
C LEU A 40 -2.25 -23.54 -0.75
N SER A 41 -3.03 -24.57 -1.08
CA SER A 41 -3.80 -24.57 -2.32
C SER A 41 -4.93 -23.55 -2.28
N MET A 42 -5.62 -23.49 -1.15
CA MET A 42 -6.69 -22.51 -0.95
C MET A 42 -6.17 -21.10 -1.21
N VAL A 43 -5.00 -20.79 -0.65
CA VAL A 43 -4.38 -19.48 -0.82
C VAL A 43 -3.91 -19.29 -2.26
N ARG A 44 -3.35 -20.35 -2.85
CA ARG A 44 -2.87 -20.30 -4.22
C ARG A 44 -3.99 -19.92 -5.19
N HIS A 45 -5.07 -20.69 -5.15
CA HIS A 45 -6.23 -20.42 -6.00
C HIS A 45 -6.73 -18.98 -5.83
N LEU A 46 -6.85 -18.55 -4.59
CA LEU A 46 -7.35 -17.21 -4.28
C LEU A 46 -6.45 -16.12 -4.84
N ILE A 47 -5.15 -16.26 -4.64
CA ILE A 47 -4.20 -15.25 -5.10
C ILE A 47 -4.15 -15.14 -6.62
N LEU A 48 -4.02 -16.28 -7.30
CA LEU A 48 -3.94 -16.30 -8.75
C LEU A 48 -5.24 -15.81 -9.40
N ASN A 49 -6.37 -16.17 -8.82
CA ASN A 49 -7.66 -15.69 -9.30
C ASN A 49 -7.84 -14.19 -9.05
N SER A 50 -7.34 -13.73 -7.91
CA SER A 50 -7.33 -12.30 -7.60
C SER A 50 -6.48 -11.53 -8.60
N ILE A 51 -5.35 -12.12 -8.96
CA ILE A 51 -4.45 -11.52 -9.93
C ILE A 51 -5.08 -11.47 -11.32
N LYS A 52 -5.65 -12.59 -11.75
CA LYS A 52 -6.28 -12.68 -13.06
C LYS A 52 -7.38 -11.64 -13.22
N PHE A 53 -8.22 -11.53 -12.21
CA PHE A 53 -9.36 -10.61 -12.24
C PHE A 53 -8.92 -9.14 -12.30
N ASN A 54 -7.85 -8.81 -11.59
CA ASN A 54 -7.37 -7.43 -11.51
C ASN A 54 -6.48 -7.01 -12.68
N VAL A 55 -5.64 -7.92 -13.16
CA VAL A 55 -4.80 -7.63 -14.30
C VAL A 55 -5.66 -7.41 -15.54
N LYS A 56 -6.78 -8.13 -15.62
CA LYS A 56 -7.71 -8.01 -16.73
C LYS A 56 -8.47 -6.68 -16.69
N LYS A 57 -8.72 -6.17 -15.48
CA LYS A 57 -9.36 -4.87 -15.33
C LYS A 57 -8.39 -3.76 -15.73
N ALA A 58 -7.12 -3.95 -15.40
CA ALA A 58 -6.10 -2.95 -15.68
C ALA A 58 -5.78 -2.88 -17.17
N LYS A 59 -5.42 -4.03 -17.75
CA LYS A 59 -5.03 -4.09 -19.15
C LYS A 59 -6.16 -3.67 -20.10
N THR A 60 -7.40 -3.98 -19.73
CA THR A 60 -8.55 -3.60 -20.54
C THR A 60 -8.67 -2.09 -20.63
N LEU A 61 -8.18 -1.41 -19.59
CA LEU A 61 -8.25 0.04 -19.51
C LEU A 61 -7.03 0.71 -20.14
N GLY A 62 -6.00 -0.09 -20.43
CA GLY A 62 -4.82 0.43 -21.09
C GLY A 62 -3.54 0.35 -20.26
N TYR A 63 -3.69 -0.08 -19.01
CA TYR A 63 -2.55 -0.23 -18.12
C TYR A 63 -2.01 -1.65 -18.22
N THR A 64 -1.05 -1.83 -19.13
CA THR A 64 -0.59 -3.17 -19.50
C THR A 64 0.62 -3.65 -18.70
N LYS A 65 1.27 -2.76 -17.98
CA LYS A 65 2.37 -3.16 -17.11
C LYS A 65 1.92 -3.26 -15.66
N ILE A 66 1.96 -4.47 -15.11
CA ILE A 66 1.45 -4.73 -13.77
C ILE A 66 2.58 -4.83 -12.75
N VAL A 67 2.45 -4.10 -11.65
CA VAL A 67 3.42 -4.14 -10.57
C VAL A 67 2.76 -4.51 -9.25
N LEU A 68 3.05 -5.70 -8.75
CA LEU A 68 2.50 -6.16 -7.48
C LEU A 68 3.29 -5.61 -6.30
N CYS A 69 2.61 -4.89 -5.41
CA CYS A 69 3.26 -4.32 -4.24
C CYS A 69 2.91 -5.10 -2.98
N ILE A 70 3.94 -5.57 -2.28
CA ILE A 70 3.75 -6.42 -1.11
C ILE A 70 4.21 -5.76 0.18
N ASP A 71 3.50 -6.03 1.27
CA ASP A 71 3.90 -5.59 2.60
C ASP A 71 4.94 -6.57 3.14
N ASN A 72 5.99 -6.04 3.75
CA ASN A 72 7.04 -6.88 4.32
C ASN A 72 7.57 -6.30 5.63
N ALA A 73 6.98 -6.74 6.74
CA ALA A 73 7.37 -6.26 8.06
C ALA A 73 8.10 -7.35 8.84
N LYS A 74 8.89 -8.15 8.13
CA LYS A 74 9.66 -9.21 8.76
C LYS A 74 10.58 -8.64 9.84
N SER A 75 11.15 -7.47 9.57
CA SER A 75 12.06 -6.82 10.50
C SER A 75 11.55 -5.44 10.90
N GLY A 76 10.25 -5.24 10.80
CA GLY A 76 9.62 -3.99 11.20
C GLY A 76 9.38 -3.05 10.04
N TYR A 77 9.55 -1.75 10.30
CA TYR A 77 9.33 -0.73 9.30
C TYR A 77 10.43 0.34 9.36
N TRP A 78 10.77 0.89 8.20
CA TRP A 78 11.81 1.92 8.15
C TRP A 78 11.36 3.18 8.88
N ARG A 79 10.05 3.40 8.92
CA ARG A 79 9.48 4.54 9.63
C ARG A 79 9.69 4.42 11.13
N ARG A 80 9.96 3.19 11.58
CA ARG A 80 10.17 2.94 13.01
C ARG A 80 11.49 3.56 13.45
N ASP A 81 12.38 3.81 12.49
CA ASP A 81 13.65 4.46 12.76
C ASP A 81 13.41 5.87 13.28
N PHE A 82 12.30 6.46 12.86
CA PHE A 82 11.89 7.79 13.29
C PHE A 82 10.98 7.70 14.51
N ALA A 83 10.01 6.79 14.44
CA ALA A 83 9.08 6.57 15.54
C ALA A 83 9.00 5.09 15.91
N TYR A 84 9.58 4.74 17.05
CA TYR A 84 9.64 3.36 17.51
C TYR A 84 8.25 2.77 17.71
N TYR A 85 7.29 3.64 18.03
CA TYR A 85 5.92 3.21 18.32
C TYR A 85 5.13 2.92 17.06
N TYR A 86 5.71 3.19 15.90
CA TYR A 86 5.03 3.02 14.62
C TYR A 86 4.54 1.59 14.41
N LYS A 87 3.23 1.43 14.33
CA LYS A 87 2.62 0.13 14.07
C LYS A 87 2.98 -0.92 15.13
N LYS A 88 3.03 -0.49 16.38
CA LYS A 88 3.30 -1.41 17.49
C LYS A 88 2.01 -2.01 18.04
N THR A 98 -12.82 -17.01 15.30
CA THR A 98 -11.45 -16.61 14.98
C THR A 98 -11.07 -17.05 13.57
N TRP A 99 -9.90 -16.62 13.11
CA TRP A 99 -9.47 -16.89 11.74
C TRP A 99 -8.08 -17.52 11.73
N ASP A 100 -7.82 -18.39 10.77
CA ASP A 100 -6.51 -19.04 10.66
C ASP A 100 -5.48 -18.11 10.04
N TRP A 101 -4.99 -17.17 10.83
CA TRP A 101 -4.01 -16.19 10.36
C TRP A 101 -2.67 -16.85 10.04
N GLU A 102 -2.21 -17.71 10.92
CA GLU A 102 -0.96 -18.44 10.71
C GLU A 102 -0.99 -19.19 9.39
N GLY A 103 -2.07 -19.94 9.17
CA GLY A 103 -2.24 -20.71 7.95
C GLY A 103 -2.19 -19.86 6.70
N TYR A 104 -2.70 -18.63 6.79
CA TYR A 104 -2.70 -17.74 5.64
C TYR A 104 -1.32 -17.17 5.36
N PHE A 105 -0.80 -16.38 6.30
CA PHE A 105 0.51 -15.77 6.14
C PHE A 105 1.55 -16.81 5.71
N GLU A 106 1.44 -18.01 6.27
CA GLU A 106 2.33 -19.11 5.93
C GLU A 106 2.24 -19.46 4.45
N SER A 107 1.04 -19.74 3.99
CA SER A 107 0.81 -20.15 2.60
C SER A 107 0.99 -18.98 1.63
N SER A 108 0.62 -17.79 2.06
CA SER A 108 0.70 -16.61 1.21
C SER A 108 2.15 -16.29 0.87
N HIS A 109 3.01 -16.31 1.87
CA HIS A 109 4.44 -16.08 1.68
C HIS A 109 5.04 -17.09 0.70
N LYS A 110 4.49 -18.30 0.71
CA LYS A 110 4.98 -19.35 -0.18
C LYS A 110 4.50 -19.11 -1.60
N VAL A 111 3.26 -18.68 -1.75
CA VAL A 111 2.69 -18.36 -3.06
C VAL A 111 3.37 -17.13 -3.65
N ILE A 112 3.69 -16.17 -2.79
CA ILE A 112 4.39 -14.95 -3.21
C ILE A 112 5.71 -15.30 -3.87
N ASP A 113 6.49 -16.16 -3.22
CA ASP A 113 7.77 -16.59 -3.77
C ASP A 113 7.60 -17.23 -5.14
N GLU A 114 6.46 -17.89 -5.33
CA GLU A 114 6.16 -18.55 -6.59
C GLU A 114 5.87 -17.52 -7.68
N LEU A 115 5.16 -16.46 -7.32
CA LEU A 115 4.87 -15.39 -8.26
C LEU A 115 6.17 -14.73 -8.73
N LYS A 116 7.15 -14.68 -7.84
CA LYS A 116 8.45 -14.11 -8.16
C LYS A 116 9.20 -14.97 -9.17
N ALA A 117 8.86 -16.25 -9.22
CA ALA A 117 9.64 -17.21 -10.00
C ALA A 117 9.02 -17.57 -11.34
N TYR A 118 7.72 -17.39 -11.48
CA TYR A 118 7.02 -17.82 -12.69
C TYR A 118 6.19 -16.74 -13.38
N MET A 119 5.46 -15.95 -12.59
CA MET A 119 4.56 -14.94 -13.12
C MET A 119 5.29 -13.71 -13.66
N PRO A 120 4.70 -13.06 -14.68
CA PRO A 120 5.34 -11.96 -15.43
C PRO A 120 5.21 -10.60 -14.74
N TYR A 121 5.00 -10.58 -13.42
CA TYR A 121 4.80 -9.33 -12.71
C TYR A 121 6.01 -8.97 -11.84
N ILE A 122 6.31 -7.68 -11.78
CA ILE A 122 7.34 -7.18 -10.88
C ILE A 122 6.79 -7.15 -9.46
N VAL A 123 7.40 -7.93 -8.58
CA VAL A 123 6.93 -8.02 -7.20
C VAL A 123 7.77 -7.16 -6.25
N MET A 124 7.30 -5.95 -5.99
CA MET A 124 7.99 -5.05 -5.07
C MET A 124 7.90 -5.60 -3.65
N ASP A 125 8.98 -6.22 -3.20
CA ASP A 125 9.01 -6.84 -1.88
C ASP A 125 10.33 -6.58 -1.16
N ILE A 126 10.33 -5.58 -0.29
CA ILE A 126 11.51 -5.24 0.49
C ILE A 126 11.20 -5.25 1.98
N ASP A 127 12.06 -5.91 2.75
CA ASP A 127 11.87 -5.99 4.20
C ASP A 127 11.89 -4.60 4.82
N LYS A 128 10.98 -4.38 5.77
CA LYS A 128 10.85 -3.08 6.45
C LYS A 128 10.24 -2.02 5.53
N TYR A 129 9.72 -2.47 4.40
CA TYR A 129 9.06 -1.57 3.45
C TYR A 129 7.59 -1.92 3.31
N GLU A 130 6.75 -0.90 3.13
CA GLU A 130 5.31 -1.10 3.00
C GLU A 130 4.88 -1.05 1.54
N ALA A 131 3.74 -1.66 1.23
CA ALA A 131 3.20 -1.62 -0.11
C ALA A 131 2.88 -0.18 -0.48
N ASP A 132 2.48 0.60 0.52
CA ASP A 132 2.17 2.01 0.32
C ASP A 132 3.42 2.76 -0.12
N ASP A 133 4.58 2.29 0.35
CA ASP A 133 5.85 2.89 -0.03
C ASP A 133 6.15 2.68 -1.51
N HIS A 134 6.10 1.43 -1.95
CA HIS A 134 6.38 1.10 -3.34
C HIS A 134 5.44 1.85 -4.28
N ILE A 135 4.14 1.80 -3.97
CA ILE A 135 3.13 2.50 -4.76
C ILE A 135 3.40 4.00 -4.79
N ALA A 136 3.49 4.61 -3.61
CA ALA A 136 3.70 6.05 -3.50
C ALA A 136 4.90 6.52 -4.29
N VAL A 137 6.02 5.81 -4.16
CA VAL A 137 7.25 6.16 -4.86
C VAL A 137 7.15 5.92 -6.37
N LEU A 138 6.76 4.72 -6.76
CA LEU A 138 6.69 4.37 -8.17
C LEU A 138 5.66 5.21 -8.92
N VAL A 139 4.51 5.44 -8.28
CA VAL A 139 3.49 6.30 -8.87
C VAL A 139 4.08 7.66 -9.19
N LYS A 140 4.80 8.23 -8.23
CA LYS A 140 5.43 9.54 -8.40
C LYS A 140 6.46 9.53 -9.52
N LYS A 141 7.31 8.49 -9.52
CA LYS A 141 8.36 8.36 -10.53
C LYS A 141 7.80 8.30 -11.95
N PHE A 142 6.97 7.29 -12.22
CA PHE A 142 6.47 7.06 -13.57
C PHE A 142 5.41 8.07 -14.01
N SER A 143 4.80 8.75 -13.06
CA SER A 143 3.83 9.80 -13.38
C SER A 143 4.56 10.99 -14.00
N LEU A 144 5.67 11.38 -13.40
CA LEU A 144 6.47 12.48 -13.90
C LEU A 144 7.23 12.08 -15.16
N GLU A 145 7.30 10.77 -15.41
CA GLU A 145 8.01 10.25 -16.57
C GLU A 145 7.10 10.06 -17.78
N GLY A 146 5.85 10.47 -17.65
CA GLY A 146 4.92 10.49 -18.77
C GLY A 146 4.00 9.29 -18.90
N HIS A 147 4.10 8.36 -17.96
CA HIS A 147 3.25 7.17 -17.98
C HIS A 147 1.89 7.46 -17.34
N LYS A 148 0.84 6.85 -17.87
CA LYS A 148 -0.47 6.92 -17.24
C LYS A 148 -0.58 5.82 -16.18
N ILE A 149 -0.94 6.22 -14.97
CA ILE A 149 -0.89 5.33 -13.82
C ILE A 149 -2.27 4.88 -13.33
N LEU A 150 -2.36 3.63 -12.90
CA LEU A 150 -3.58 3.10 -12.30
C LEU A 150 -3.28 2.44 -10.96
N ILE A 151 -3.84 2.98 -9.89
CA ILE A 151 -3.67 2.41 -8.57
C ILE A 151 -4.86 1.53 -8.19
N ILE A 152 -4.63 0.23 -8.11
CA ILE A 152 -5.68 -0.70 -7.71
C ILE A 152 -5.65 -0.90 -6.20
N SER A 153 -6.53 -0.16 -5.52
CA SER A 153 -6.61 -0.19 -4.07
C SER A 153 -7.75 0.70 -3.60
N SER A 154 -8.29 0.41 -2.42
CA SER A 154 -9.37 1.21 -1.85
C SER A 154 -8.81 2.23 -0.86
N ASP A 155 -7.61 1.96 -0.38
CA ASP A 155 -6.96 2.80 0.62
C ASP A 155 -7.08 4.28 0.28
N GLY A 156 -7.58 5.07 1.23
CA GLY A 156 -7.78 6.48 1.03
C GLY A 156 -6.50 7.30 1.03
N ASP A 157 -5.45 6.77 1.63
CA ASP A 157 -4.16 7.45 1.69
C ASP A 157 -3.59 7.74 0.31
N PHE A 158 -3.97 6.94 -0.68
CA PHE A 158 -3.43 7.09 -2.03
C PHE A 158 -4.04 8.29 -2.77
N THR A 159 -4.99 8.96 -2.13
CA THR A 159 -5.55 10.19 -2.67
C THR A 159 -4.48 11.28 -2.66
N GLN A 160 -3.42 11.05 -1.89
CA GLN A 160 -2.28 11.95 -1.85
C GLN A 160 -1.58 11.96 -3.20
N LEU A 161 -1.78 10.90 -3.97
CA LEU A 161 -1.08 10.73 -5.25
C LEU A 161 -1.90 11.19 -6.44
N HIS A 162 -3.17 11.52 -6.21
CA HIS A 162 -4.05 11.97 -7.28
C HIS A 162 -3.62 13.31 -7.87
N LYS A 163 -2.80 14.04 -7.12
CA LYS A 163 -2.32 15.34 -7.56
C LYS A 163 -1.38 15.22 -8.75
N TYR A 164 -0.80 14.03 -8.92
CA TYR A 164 0.09 13.77 -10.05
C TYR A 164 -0.71 13.46 -11.31
N PRO A 165 -0.22 13.93 -12.47
CA PRO A 165 -0.91 13.80 -13.75
C PRO A 165 -1.16 12.34 -14.16
N ASN A 166 -2.31 12.08 -14.77
CA ASN A 166 -2.62 10.76 -15.31
C ASN A 166 -2.64 9.67 -14.26
N VAL A 167 -3.16 10.00 -13.07
CA VAL A 167 -3.23 9.02 -11.99
C VAL A 167 -4.67 8.71 -11.59
N LYS A 168 -5.12 7.50 -11.91
CA LYS A 168 -6.45 7.05 -11.52
C LYS A 168 -6.37 5.94 -10.49
N GLN A 169 -7.39 5.85 -9.64
CA GLN A 169 -7.44 4.81 -8.62
C GLN A 169 -8.71 3.98 -8.73
N TRP A 170 -8.57 2.66 -8.71
CA TRP A 170 -9.70 1.75 -8.83
C TRP A 170 -9.85 0.87 -7.59
N SER A 171 -11.03 0.93 -6.97
CA SER A 171 -11.32 0.10 -5.81
C SER A 171 -11.79 -1.28 -6.23
N PRO A 172 -11.01 -2.31 -5.89
CA PRO A 172 -11.28 -3.70 -6.28
C PRO A 172 -12.53 -4.25 -5.60
N MET A 173 -12.67 -3.95 -4.32
CA MET A 173 -13.77 -4.49 -3.51
C MET A 173 -15.12 -3.85 -3.86
N HIS A 174 -15.11 -2.54 -4.09
CA HIS A 174 -16.35 -1.81 -4.37
C HIS A 174 -16.55 -1.59 -5.87
N LYS A 175 -15.56 -2.00 -6.66
CA LYS A 175 -15.64 -1.91 -8.11
C LYS A 175 -16.08 -0.53 -8.60
N LYS A 176 -15.53 0.52 -7.99
CA LYS A 176 -15.80 1.88 -8.41
C LYS A 176 -14.51 2.69 -8.44
N TRP A 177 -14.51 3.78 -9.19
CA TRP A 177 -13.35 4.67 -9.25
C TRP A 177 -13.24 5.49 -7.97
N VAL A 178 -12.01 5.86 -7.62
CA VAL A 178 -11.76 6.65 -6.42
C VAL A 178 -11.34 8.07 -6.78
N LYS A 179 -12.29 8.99 -6.72
CA LYS A 179 -12.04 10.39 -7.04
C LYS A 179 -12.43 11.32 -5.89
N ILE A 180 -11.48 12.14 -5.46
CA ILE A 180 -11.70 13.07 -4.36
C ILE A 180 -11.42 14.51 -4.80
N GLY A 183 -7.94 18.77 -3.87
CA GLY A 183 -8.25 19.73 -2.80
C GLY A 183 -8.59 19.04 -1.49
N SER A 184 -9.55 18.12 -1.55
CA SER A 184 -9.98 17.38 -0.37
C SER A 184 -8.93 16.36 0.05
N ALA A 185 -7.99 16.05 -0.84
CA ALA A 185 -6.92 15.12 -0.54
C ALA A 185 -5.94 15.74 0.46
N GLU A 186 -5.72 17.04 0.31
CA GLU A 186 -4.82 17.78 1.20
C GLU A 186 -5.39 17.84 2.63
N ILE A 187 -6.71 18.00 2.73
CA ILE A 187 -7.38 18.04 4.03
C ILE A 187 -7.35 16.66 4.68
N ASP A 188 -7.61 15.63 3.88
CA ASP A 188 -7.53 14.25 4.35
C ASP A 188 -6.14 13.94 4.89
N CYS A 189 -5.12 14.41 4.18
CA CYS A 189 -3.73 14.16 4.58
C CYS A 189 -3.35 14.92 5.84
N MET A 190 -3.77 16.18 5.89
CA MET A 190 -3.46 17.05 7.03
C MET A 190 -4.22 16.61 8.28
N THR A 191 -5.37 15.97 8.10
CA THR A 191 -6.16 15.50 9.23
C THR A 191 -5.42 14.40 9.98
N LYS A 192 -4.80 13.49 9.24
CA LYS A 192 -4.01 12.42 9.84
C LYS A 192 -2.72 12.97 10.41
N ILE A 193 -2.20 14.02 9.79
CA ILE A 193 -0.96 14.63 10.25
C ILE A 193 -1.16 15.34 11.59
N LEU A 194 -2.31 16.00 11.73
CA LEU A 194 -2.60 16.78 12.93
C LEU A 194 -3.29 15.94 14.01
N LYS A 195 -4.30 15.18 13.62
CA LYS A 195 -5.09 14.39 14.56
C LYS A 195 -4.51 13.00 14.78
N GLY A 196 -3.66 12.55 13.86
CA GLY A 196 -3.04 11.25 13.97
C GLY A 196 -3.77 10.15 13.21
N ASP A 197 -3.26 8.93 13.33
CA ASP A 197 -3.87 7.78 12.68
C ASP A 197 -3.73 6.56 13.59
N LYS A 198 -4.70 6.37 14.47
CA LYS A 198 -4.66 5.32 15.49
C LYS A 198 -4.25 3.95 14.95
N LYS A 199 -4.75 3.62 13.76
CA LYS A 199 -4.49 2.31 13.17
C LYS A 199 -3.00 2.02 13.03
N ASP A 200 -2.20 3.08 12.89
CA ASP A 200 -0.76 2.95 12.74
C ASP A 200 0.00 3.52 13.94
N ASN A 201 -0.73 3.72 15.04
CA ASN A 201 -0.14 4.27 16.25
C ASN A 201 0.41 5.69 16.07
N VAL A 202 -0.02 6.37 15.01
CA VAL A 202 0.31 7.77 14.81
C VAL A 202 -0.62 8.62 15.67
N ALA A 203 -0.04 9.40 16.59
CA ALA A 203 -0.82 10.16 17.55
C ALA A 203 -1.02 11.61 17.12
N SER A 204 -1.96 12.29 17.77
CA SER A 204 -2.22 13.70 17.47
C SER A 204 -1.06 14.58 17.93
N VAL A 205 -0.95 15.77 17.35
CA VAL A 205 0.09 16.72 17.74
C VAL A 205 -0.22 17.34 19.09
N LYS A 206 -1.41 17.06 19.59
CA LYS A 206 -1.85 17.59 20.88
C LYS A 206 -1.30 16.75 22.03
N VAL A 207 -0.78 15.57 21.71
CA VAL A 207 -0.27 14.65 22.72
C VAL A 207 1.15 14.21 22.41
N ARG A 208 1.75 13.45 23.34
CA ARG A 208 3.11 12.97 23.16
C ARG A 208 3.21 12.00 22.00
N SER A 209 4.39 11.94 21.39
CA SER A 209 4.61 11.12 20.19
C SER A 209 4.05 9.69 20.32
N ASP A 210 4.53 8.97 21.33
CA ASP A 210 4.15 7.57 21.51
C ASP A 210 2.89 7.42 22.36
N PHE A 211 1.99 8.37 22.25
CA PHE A 211 0.76 8.36 23.04
C PHE A 211 0.05 7.01 22.99
N TRP A 212 -0.23 6.54 21.78
CA TRP A 212 -0.97 5.30 21.59
C TRP A 212 -0.31 4.08 22.24
N PHE A 213 1.02 4.11 22.35
CA PHE A 213 1.75 2.97 22.91
C PHE A 213 1.90 3.06 24.41
N THR A 214 1.92 4.29 24.95
CA THR A 214 2.16 4.49 26.37
C THR A 214 0.98 5.15 27.07
N ARG A 215 -0.17 5.17 26.42
CA ARG A 215 -1.35 5.84 26.97
C ARG A 215 -1.89 5.15 28.21
N VAL A 216 -2.10 5.92 29.27
CA VAL A 216 -2.75 5.40 30.47
C VAL A 216 -4.27 5.47 30.24
N GLU A 217 -5.05 5.20 31.28
CA GLU A 217 -6.50 5.17 31.13
C GLU A 217 -7.17 6.54 31.28
N GLY A 218 -6.66 7.34 32.22
CA GLY A 218 -7.21 8.67 32.43
C GLY A 218 -6.82 9.63 31.33
N GLU A 219 -6.32 9.10 30.22
CA GLU A 219 -5.80 9.91 29.12
C GLU A 219 -6.70 9.89 27.89
N ARG A 220 -7.08 11.08 27.44
CA ARG A 220 -7.71 11.26 26.13
C ARG A 220 -7.02 12.35 25.35
N THR A 221 -7.18 12.33 24.03
CA THR A 221 -6.54 13.31 23.16
C THR A 221 -7.40 14.55 22.99
N PRO A 222 -6.83 15.73 23.31
CA PRO A 222 -7.53 16.99 23.09
C PRO A 222 -7.94 17.13 21.63
N SER A 223 -9.13 17.68 21.39
CA SER A 223 -9.65 17.79 20.03
C SER A 223 -8.91 18.83 19.19
N MET A 224 -8.96 18.67 17.88
CA MET A 224 -8.33 19.60 16.95
C MET A 224 -9.39 20.24 16.05
N LYS A 225 -9.66 21.52 16.29
CA LYS A 225 -10.69 22.24 15.53
C LYS A 225 -10.44 22.17 14.02
N THR A 226 -11.51 21.97 13.27
CA THR A 226 -11.42 21.80 11.82
C THR A 226 -10.86 23.03 11.10
N SER A 227 -11.22 24.21 11.59
CA SER A 227 -10.77 25.46 10.99
C SER A 227 -9.24 25.51 10.90
N ILE A 228 -8.57 25.01 11.93
CA ILE A 228 -7.12 24.97 11.94
C ILE A 228 -6.59 23.91 10.98
N VAL A 229 -7.24 22.75 10.97
CA VAL A 229 -6.84 21.65 10.10
C VAL A 229 -6.82 22.08 8.65
N GLU A 230 -7.84 22.85 8.25
CA GLU A 230 -7.99 23.30 6.87
C GLU A 230 -7.08 24.49 6.55
N ALA A 231 -6.92 25.38 7.53
CA ALA A 231 -6.02 26.52 7.37
C ALA A 231 -4.61 26.06 7.05
N ILE A 232 -4.13 25.08 7.82
CA ILE A 232 -2.81 24.51 7.61
C ILE A 232 -2.79 23.71 6.31
N ALA A 233 -3.91 23.09 5.98
CA ALA A 233 -4.03 22.29 4.76
C ALA A 233 -3.84 23.13 3.51
N ASN A 234 -4.40 24.34 3.53
CA ASN A 234 -4.28 25.26 2.40
C ASN A 234 -2.93 26.00 2.39
N ASP A 235 -2.29 26.07 3.55
CA ASP A 235 -1.01 26.75 3.70
C ASP A 235 -0.25 26.20 4.90
N ARG A 236 0.70 25.30 4.64
CA ARG A 236 1.43 24.63 5.71
C ARG A 236 2.31 25.56 6.54
N GLU A 237 2.55 26.77 6.01
CA GLU A 237 3.31 27.76 6.76
C GLU A 237 2.50 28.24 7.95
N GLN A 238 1.22 27.87 7.98
CA GLN A 238 0.35 28.21 9.09
C GLN A 238 0.58 27.29 10.28
N ALA A 239 1.30 26.19 10.04
CA ALA A 239 1.67 25.26 11.10
C ALA A 239 2.57 25.95 12.12
N LYS A 240 3.10 27.11 11.74
CA LYS A 240 3.99 27.87 12.60
C LYS A 240 3.23 28.93 13.40
N VAL A 241 2.07 29.35 12.89
CA VAL A 241 1.31 30.42 13.53
C VAL A 241 0.11 29.89 14.31
N LEU A 242 -0.36 28.70 13.94
CA LEU A 242 -1.56 28.14 14.56
C LEU A 242 -1.24 27.02 15.55
N LEU A 243 -0.03 26.48 15.46
CA LEU A 243 0.40 25.43 16.36
C LEU A 243 1.42 25.95 17.36
N THR A 244 1.40 25.42 18.57
CA THR A 244 2.41 25.74 19.57
C THR A 244 3.71 25.06 19.18
N GLU A 245 4.82 25.50 19.78
CA GLU A 245 6.11 24.91 19.46
C GLU A 245 6.11 23.40 19.68
N SER A 246 5.42 22.97 20.73
CA SER A 246 5.30 21.55 21.01
C SER A 246 4.52 20.83 19.92
N GLU A 247 3.41 21.42 19.51
CA GLU A 247 2.56 20.83 18.49
C GLU A 247 3.24 20.86 17.12
N TYR A 248 4.03 21.90 16.88
CA TYR A 248 4.73 22.04 15.60
C TYR A 248 5.81 20.98 15.47
N ASN A 249 6.45 20.64 16.58
CA ASN A 249 7.45 19.58 16.60
C ASN A 249 6.80 18.23 16.31
N ARG A 250 5.65 17.98 16.92
CA ARG A 250 4.87 16.78 16.63
C ARG A 250 4.45 16.76 15.17
N TYR A 251 4.12 17.94 14.66
CA TYR A 251 3.68 18.10 13.27
C TYR A 251 4.75 17.61 12.31
N LYS A 252 5.99 18.03 12.57
CA LYS A 252 7.12 17.63 11.73
C LYS A 252 7.36 16.13 11.82
N GLU A 253 7.17 15.57 13.01
CA GLU A 253 7.34 14.14 13.21
C GLU A 253 6.34 13.35 12.38
N ASN A 254 5.08 13.76 12.46
CA ASN A 254 3.99 13.07 11.77
C ASN A 254 4.08 13.17 10.26
N LEU A 255 4.80 14.18 9.77
CA LEU A 255 4.99 14.36 8.34
C LEU A 255 5.66 13.13 7.73
N VAL A 256 6.70 12.64 8.40
CA VAL A 256 7.45 11.49 7.91
C VAL A 256 6.61 10.22 8.01
N LEU A 257 5.62 10.23 8.90
CA LEU A 257 4.78 9.06 9.14
C LEU A 257 3.59 9.00 8.18
N ILE A 258 3.08 10.16 7.78
CA ILE A 258 1.86 10.22 6.99
C ILE A 258 2.09 10.63 5.54
N ASP A 259 2.75 11.76 5.34
CA ASP A 259 2.93 12.33 4.01
C ASP A 259 3.91 11.53 3.15
N PHE A 260 3.44 11.06 2.00
CA PHE A 260 4.29 10.30 1.09
C PHE A 260 5.49 11.11 0.62
N ASP A 261 5.31 12.42 0.50
CA ASP A 261 6.38 13.30 0.02
C ASP A 261 7.60 13.27 0.94
N TYR A 262 7.38 12.89 2.19
CA TYR A 262 8.46 12.88 3.18
C TYR A 262 9.09 11.50 3.33
N ILE A 263 8.94 10.67 2.31
CA ILE A 263 9.64 9.40 2.24
C ILE A 263 11.10 9.67 1.89
N PRO A 264 12.01 9.39 2.84
CA PRO A 264 13.44 9.67 2.70
C PRO A 264 13.98 9.28 1.34
N ASP A 265 14.89 10.10 0.80
CA ASP A 265 15.45 9.86 -0.52
C ASP A 265 16.09 8.48 -0.64
N ASN A 266 16.74 8.03 0.44
CA ASN A 266 17.38 6.73 0.45
C ASN A 266 16.38 5.58 0.36
N ILE A 267 15.21 5.77 0.95
CA ILE A 267 14.15 4.78 0.89
C ILE A 267 13.59 4.66 -0.53
N ALA A 268 13.23 5.80 -1.10
CA ALA A 268 12.72 5.82 -2.46
C ALA A 268 13.79 5.35 -3.45
N SER A 269 15.04 5.69 -3.16
CA SER A 269 16.15 5.28 -4.00
C SER A 269 16.26 3.76 -4.05
N ASN A 270 16.12 3.13 -2.88
CA ASN A 270 16.13 1.68 -2.79
C ASN A 270 14.96 1.05 -3.54
N ILE A 271 13.78 1.61 -3.35
CA ILE A 271 12.57 1.15 -4.03
C ILE A 271 12.74 1.17 -5.54
N VAL A 272 13.23 2.30 -6.07
CA VAL A 272 13.43 2.44 -7.51
C VAL A 272 14.46 1.45 -8.02
N ASN A 273 15.62 1.41 -7.36
CA ASN A 273 16.70 0.50 -7.74
C ASN A 273 16.23 -0.95 -7.81
N TYR A 274 15.44 -1.36 -6.82
CA TYR A 274 14.87 -2.71 -6.79
C TYR A 274 14.02 -2.94 -8.04
N TYR A 275 13.16 -1.98 -8.35
CA TYR A 275 12.28 -2.08 -9.50
C TYR A 275 13.08 -2.25 -10.79
N ASN A 276 14.07 -1.37 -10.99
CA ASN A 276 14.90 -1.40 -12.18
C ASN A 276 15.75 -2.66 -12.28
N SER A 277 16.03 -3.28 -11.14
CA SER A 277 16.90 -4.46 -11.10
C SER A 277 16.11 -5.77 -11.10
N TYR A 278 14.80 -5.67 -11.34
CA TYR A 278 13.95 -6.85 -11.34
C TYR A 278 13.96 -7.55 -12.70
N LYS A 279 14.29 -8.84 -12.68
CA LYS A 279 14.28 -9.64 -13.89
C LYS A 279 13.04 -10.52 -13.96
N LEU A 280 12.21 -10.29 -14.98
CA LEU A 280 10.98 -11.05 -15.15
C LEU A 280 11.25 -12.44 -15.72
N PRO A 281 10.52 -13.45 -15.23
CA PRO A 281 10.61 -14.81 -15.76
C PRO A 281 9.87 -14.93 -17.09
N PRO A 282 10.49 -15.58 -18.09
CA PRO A 282 9.83 -15.82 -19.37
C PRO A 282 8.46 -16.47 -19.17
N ARG A 283 7.49 -16.11 -20.02
CA ARG A 283 6.13 -16.60 -19.87
C ARG A 283 6.01 -18.12 -19.98
N GLY A 284 7.03 -18.77 -20.54
CA GLY A 284 7.04 -20.21 -20.65
C GLY A 284 6.98 -20.88 -19.29
N LYS A 285 7.35 -20.13 -18.26
CA LYS A 285 7.37 -20.64 -16.89
C LYS A 285 5.96 -20.85 -16.35
N ILE A 286 5.05 -19.96 -16.73
CA ILE A 286 3.69 -19.98 -16.22
C ILE A 286 3.01 -21.33 -16.37
N TYR A 287 2.97 -21.84 -17.59
CA TYR A 287 2.29 -23.11 -17.88
C TYR A 287 2.81 -24.24 -16.99
N SER A 288 4.11 -24.51 -17.08
CA SER A 288 4.73 -25.58 -16.31
C SER A 288 4.48 -25.41 -14.81
N TYR A 289 4.31 -24.17 -14.37
CA TYR A 289 4.05 -23.88 -12.96
C TYR A 289 2.59 -24.18 -12.62
N PHE A 290 1.68 -23.76 -13.49
CA PHE A 290 0.26 -24.01 -13.30
C PHE A 290 -0.02 -25.51 -13.15
N VAL A 291 0.62 -26.32 -13.98
CA VAL A 291 0.46 -27.76 -13.93
C VAL A 291 1.12 -28.33 -12.68
N LYS A 292 2.33 -27.84 -12.38
CA LYS A 292 3.07 -28.28 -11.21
C LYS A 292 2.27 -28.04 -9.93
N ALA A 293 1.44 -27.02 -9.95
CA ALA A 293 0.65 -26.65 -8.77
C ALA A 293 -0.76 -27.24 -8.83
N GLY A 294 -1.00 -28.13 -9.78
CA GLY A 294 -2.29 -28.78 -9.91
C GLY A 294 -3.39 -27.86 -10.36
N LEU A 295 -3.01 -26.75 -11.01
CA LEU A 295 -3.97 -25.79 -11.51
C LEU A 295 -4.24 -26.02 -12.99
N SER A 296 -4.42 -27.28 -13.36
CA SER A 296 -4.65 -27.66 -14.76
C SER A 296 -5.76 -26.84 -15.40
N LYS A 297 -6.81 -26.57 -14.64
CA LYS A 297 -7.96 -25.83 -15.16
C LYS A 297 -7.73 -24.32 -15.10
N LEU A 298 -6.49 -23.92 -15.43
CA LEU A 298 -6.14 -22.51 -15.50
C LEU A 298 -5.15 -22.29 -16.65
N THR A 299 -4.57 -23.38 -17.14
CA THR A 299 -3.62 -23.32 -18.24
C THR A 299 -4.28 -22.76 -19.49
N ASN A 300 -5.61 -22.89 -19.59
CA ASN A 300 -6.35 -22.35 -20.71
C ASN A 300 -6.75 -20.89 -20.48
N SER A 301 -6.16 -20.29 -19.46
CA SER A 301 -6.44 -18.90 -19.12
C SER A 301 -5.14 -18.10 -18.98
N ILE A 302 -4.03 -18.70 -19.37
CA ILE A 302 -2.73 -18.06 -19.27
C ILE A 302 -2.70 -16.71 -19.99
N ASN A 303 -3.43 -16.64 -21.11
CA ASN A 303 -3.52 -15.41 -21.88
C ASN A 303 -4.12 -14.27 -21.07
N GLU A 304 -4.81 -14.61 -19.98
CA GLU A 304 -5.45 -13.62 -19.14
C GLU A 304 -4.52 -13.10 -18.05
N PHE A 305 -3.36 -13.72 -17.92
CA PHE A 305 -2.36 -13.31 -16.92
C PHE A 305 -1.33 -12.38 -17.54
MG MG B . 1.12 5.31 5.61
#